data_3O1S
#
_entry.id   3O1S
#
_cell.length_a   41.400
_cell.length_b   75.950
_cell.length_c   51.740
_cell.angle_alpha   90.00
_cell.angle_beta   107.85
_cell.angle_gamma   90.00
#
_symmetry.space_group_name_H-M   'P 1 21 1'
#
loop_
_entity.id
_entity.type
_entity.pdbx_description
1 polymer 'Alpha-ketoglutarate-dependent dioxygenase AlkB'
2 polymer "DNA (5'-D(*AP*GP*GP*TP*AP*AP*(MDQ)P*AP*CP*CP*GP*T)-3')"
3 polymer "DNA (5'-D(*AP*AP*CP*GP*GP*TP*AP*TP*TP*AP*CP*CP*T)-3')"
4 non-polymer 'FE (III) ION'
5 non-polymer 'SUCCINIC ACID'
6 water water
#
loop_
_entity_poly.entity_id
_entity_poly.type
_entity_poly.pdbx_seq_one_letter_code
_entity_poly.pdbx_strand_id
1 'polypeptide(L)'
;MQEPLAAGAVILRRFAFNAAEQLIRDINDVASQSPFRQMVTPGGYTMSVAMTNCGHLGWTTHRQGYLYSPIDPQTNKPWP
AMPQSFHNLCQRAATAAGYPDFQPDACLINRYAPGAKLCLHQDKDEPDLRAPIVSVSLGLPAIFQFGGLKRNDPLKRLLL
EHGDVVVWGGESRLFYHGIQPLKAGFHPLTIDCRYNLTFRQAGKKE
;
A
2 'polydeoxyribonucleotide' (DA)(DG)(DG)(DT)(DA)(DA)(MDQ)(DA)(2YR)(DC)(DG)(DT) B
3 'polydeoxyribonucleotide' (DA)(DA)(DC)(DG)(DG)(DT)(DA)(DT)(DT)(DA)(DC)(DC)(DT) C
#
loop_
_chem_comp.id
_chem_comp.type
_chem_comp.name
_chem_comp.formula
2YR non-polymer '2'-deoxy-N-(2-sulfanylethyl)cytidine 5'-(dihydrogen phosphate)' 'C11 H18 N3 O7 P S'
DA DNA linking 2'-DEOXYADENOSINE-5'-MONOPHOSPHATE 'C10 H14 N5 O6 P'
DC DNA linking 2'-DEOXYCYTIDINE-5'-MONOPHOSPHATE 'C9 H14 N3 O7 P'
DG DNA linking 2'-DEOXYGUANOSINE-5'-MONOPHOSPHATE 'C10 H14 N5 O7 P'
DT DNA linking THYMIDINE-5'-MONOPHOSPHATE 'C10 H15 N2 O8 P'
FE non-polymer 'FE (III) ION' 'Fe 3'
MDQ DNA linking '2'-deoxy-3-(oxidomethyl)cytidine 5'-(dihydrogen phosphate)' 'C10 H16 N3 O8 P'
SIN non-polymer 'SUCCINIC ACID' 'C4 H6 O4'
#
# COMPACT_ATOMS: atom_id res chain seq x y z
N GLU A 3 20.11 4.96 12.23
CA GLU A 3 18.96 5.80 11.78
C GLU A 3 18.25 5.44 10.45
N PRO A 4 18.79 4.48 9.66
CA PRO A 4 17.95 4.01 8.55
C PRO A 4 16.84 3.10 9.07
N LEU A 5 15.72 3.01 8.36
CA LEU A 5 14.57 2.25 8.85
C LEU A 5 14.93 0.83 9.30
N ALA A 6 15.62 0.09 8.43
CA ALA A 6 16.02 -1.27 8.72
C ALA A 6 16.96 -1.73 7.62
N ALA A 7 17.56 -2.90 7.78
CA ALA A 7 18.37 -3.47 6.71
C ALA A 7 17.50 -3.65 5.47
N GLY A 8 17.82 -2.92 4.40
CA GLY A 8 17.05 -2.98 3.15
C GLY A 8 15.79 -2.12 3.10
N ALA A 9 15.56 -1.35 4.15
CA ALA A 9 14.36 -0.52 4.23
C ALA A 9 14.74 0.94 4.39
N VAL A 10 13.95 1.81 3.79
CA VAL A 10 14.23 3.22 3.88
C VAL A 10 12.92 4.00 3.84
N ILE A 11 12.91 5.15 4.51
CA ILE A 11 11.82 6.10 4.30
C ILE A 11 12.33 7.32 3.54
N LEU A 12 11.60 7.68 2.48
CA LEU A 12 11.90 8.83 1.64
C LEU A 12 10.85 9.88 1.95
N ARG A 13 11.16 10.76 2.90
CA ARG A 13 10.15 11.69 3.36
C ARG A 13 9.81 12.71 2.30
N ARG A 14 8.51 12.86 2.05
CA ARG A 14 7.97 13.84 1.09
C ARG A 14 8.39 13.54 -0.35
N PHE A 15 8.88 12.33 -0.59
CA PHE A 15 9.33 11.96 -1.94
C PHE A 15 8.26 12.19 -3.02
N ALA A 16 7.00 11.87 -2.68
CA ALA A 16 5.90 11.95 -3.65
C ALA A 16 5.09 13.24 -3.49
N PHE A 17 5.59 14.19 -2.71
CA PHE A 17 4.85 15.43 -2.48
C PHE A 17 4.52 16.16 -3.79
N ASN A 18 5.51 16.28 -4.67
CA ASN A 18 5.29 17.03 -5.91
C ASN A 18 4.30 16.31 -6.83
N ALA A 19 4.32 14.98 -6.79
CA ALA A 19 3.51 14.14 -7.69
C ALA A 19 2.12 13.88 -7.13
N ALA A 20 1.89 14.30 -5.89
CA ALA A 20 0.66 13.93 -5.16
C ALA A 20 -0.65 14.32 -5.86
N GLU A 21 -0.77 15.54 -6.37
CA GLU A 21 -2.02 15.93 -7.01
C GLU A 21 -2.40 15.06 -8.21
N GLN A 22 -1.42 14.74 -9.04
CA GLN A 22 -1.66 13.84 -10.16
C GLN A 22 -1.96 12.41 -9.67
N LEU A 23 -1.31 12.00 -8.59
CA LEU A 23 -1.56 10.66 -8.05
C LEU A 23 -2.99 10.52 -7.59
N ILE A 24 -3.51 11.59 -7.01
CA ILE A 24 -4.85 11.58 -6.46
C ILE A 24 -5.89 11.64 -7.59
N ARG A 25 -5.60 12.40 -8.64
CA ARG A 25 -6.47 12.38 -9.81
C ARG A 25 -6.57 10.96 -10.38
N ASP A 26 -5.45 10.24 -10.39
CA ASP A 26 -5.45 8.90 -10.94
C ASP A 26 -6.05 7.84 -10.01
N ILE A 27 -5.95 8.06 -8.70
CA ILE A 27 -6.68 7.20 -7.76
C ILE A 27 -8.20 7.34 -8.06
N ASN A 28 -8.67 8.56 -8.30
CA ASN A 28 -10.09 8.74 -8.53
C ASN A 28 -10.52 8.03 -9.83
N ASP A 29 -9.64 8.09 -10.84
CA ASP A 29 -9.91 7.42 -12.10
C ASP A 29 -9.96 5.90 -11.93
N VAL A 30 -8.99 5.35 -11.20
CA VAL A 30 -8.97 3.90 -10.93
C VAL A 30 -10.27 3.48 -10.24
N ALA A 31 -10.62 4.20 -9.18
CA ALA A 31 -11.82 3.91 -8.39
C ALA A 31 -13.13 4.13 -9.13
N SER A 32 -13.13 4.96 -10.16
CA SER A 32 -14.33 5.12 -10.96
C SER A 32 -14.65 3.84 -11.73
N GLN A 33 -13.64 2.97 -11.86
CA GLN A 33 -13.76 1.72 -12.60
C GLN A 33 -13.89 0.51 -11.68
N SER A 34 -12.97 0.42 -10.72
CA SER A 34 -13.04 -0.58 -9.66
C SER A 34 -13.18 0.16 -8.34
N PRO A 35 -14.40 0.29 -7.85
CA PRO A 35 -14.70 1.12 -6.70
C PRO A 35 -14.01 0.65 -5.44
N PHE A 36 -13.73 1.58 -4.52
CA PHE A 36 -13.25 1.15 -3.22
C PHE A 36 -14.27 0.24 -2.58
N ARG A 37 -13.81 -0.82 -1.93
CA ARG A 37 -14.73 -1.64 -1.16
C ARG A 37 -14.02 -2.12 0.09
N GLN A 38 -14.78 -2.26 1.17
CA GLN A 38 -14.20 -2.87 2.36
C GLN A 38 -14.33 -4.38 2.25
N MET A 39 -13.21 -5.08 2.16
CA MET A 39 -13.19 -6.54 1.99
C MET A 39 -13.46 -7.31 3.27
N VAL A 40 -13.95 -8.53 3.12
CA VAL A 40 -14.32 -9.38 4.24
C VAL A 40 -13.27 -10.46 4.39
N THR A 41 -12.73 -10.60 5.59
CA THR A 41 -11.74 -11.63 5.83
C THR A 41 -12.36 -13.01 5.65
N PRO A 42 -11.51 -14.02 5.51
CA PRO A 42 -12.00 -15.39 5.48
C PRO A 42 -12.78 -15.75 6.74
N GLY A 43 -12.37 -15.19 7.89
CA GLY A 43 -13.04 -15.43 9.16
C GLY A 43 -14.34 -14.65 9.32
N GLY A 44 -14.61 -13.76 8.37
CA GLY A 44 -15.93 -13.11 8.25
C GLY A 44 -16.04 -11.69 8.79
N TYR A 45 -14.91 -11.06 9.08
CA TYR A 45 -14.92 -9.66 9.54
C TYR A 45 -14.64 -8.68 8.43
N THR A 46 -15.35 -7.56 8.43
CA THR A 46 -15.13 -6.56 7.40
C THR A 46 -13.98 -5.63 7.77
N MET A 47 -13.02 -5.49 6.85
CA MET A 47 -11.85 -4.65 7.11
C MET A 47 -12.23 -3.19 7.25
N SER A 48 -11.52 -2.42 8.07
CA SER A 48 -11.89 -1.01 8.22
C SER A 48 -11.37 -0.17 7.05
N VAL A 49 -10.27 -0.61 6.47
N VAL A 49 -10.29 -0.63 6.43
CA VAL A 49 -9.67 0.05 5.31
CA VAL A 49 -9.68 0.08 5.31
C VAL A 49 -10.51 -0.33 4.08
C VAL A 49 -10.31 -0.34 3.99
N ALA A 50 -10.77 0.62 3.19
CA ALA A 50 -11.40 0.29 1.92
C ALA A 50 -10.31 0.21 0.87
N MET A 51 -10.48 -0.70 -0.09
CA MET A 51 -9.38 -1.03 -1.00
C MET A 51 -9.88 -1.09 -2.44
N THR A 52 -8.96 -0.85 -3.36
CA THR A 52 -9.12 -1.27 -4.75
C THR A 52 -7.70 -1.56 -5.29
N ASN A 53 -7.57 -1.93 -6.57
CA ASN A 53 -6.28 -2.25 -7.14
C ASN A 53 -6.21 -1.75 -8.57
N CYS A 54 -4.98 -1.61 -9.06
CA CYS A 54 -4.79 -1.39 -10.48
C CYS A 54 -3.57 -2.17 -10.89
N GLY A 55 -3.34 -2.28 -12.19
CA GLY A 55 -2.27 -3.11 -12.67
C GLY A 55 -2.77 -4.50 -12.99
N HIS A 56 -1.84 -5.40 -13.27
CA HIS A 56 -2.20 -6.72 -13.79
C HIS A 56 -2.77 -7.66 -12.71
N LEU A 57 -2.37 -7.46 -11.46
CA LEU A 57 -2.87 -8.28 -10.36
C LEU A 57 -3.33 -7.40 -9.20
N GLY A 58 -4.47 -7.77 -8.61
CA GLY A 58 -5.01 -7.06 -7.45
C GLY A 58 -5.13 -7.99 -6.25
N TRP A 59 -4.83 -7.48 -5.06
CA TRP A 59 -4.97 -8.29 -3.84
C TRP A 59 -6.43 -8.32 -3.40
N THR A 60 -6.91 -9.50 -3.02
CA THR A 60 -8.31 -9.67 -2.58
C THR A 60 -8.40 -10.71 -1.49
N THR A 61 -9.47 -10.62 -0.69
CA THR A 61 -9.78 -11.70 0.22
C THR A 61 -10.78 -12.63 -0.45
N HIS A 62 -10.90 -13.83 0.08
CA HIS A 62 -11.81 -14.82 -0.46
C HIS A 62 -12.28 -15.61 0.75
N ARG A 63 -13.28 -16.46 0.56
CA ARG A 63 -13.67 -17.39 1.60
C ARG A 63 -12.47 -18.24 1.99
N GLN A 64 -11.70 -18.64 0.99
CA GLN A 64 -10.62 -19.62 1.16
C GLN A 64 -9.29 -19.02 1.59
N GLY A 65 -9.21 -17.70 1.66
CA GLY A 65 -7.96 -17.06 2.02
C GLY A 65 -7.69 -15.77 1.26
N TYR A 66 -6.41 -15.43 1.13
CA TYR A 66 -6.01 -14.25 0.36
C TYR A 66 -5.56 -14.69 -1.04
N LEU A 67 -5.70 -13.79 -2.01
CA LEU A 67 -5.38 -14.13 -3.39
C LEU A 67 -5.01 -12.89 -4.20
N TYR A 68 -4.03 -13.02 -5.09
CA TYR A 68 -3.83 -12.02 -6.13
C TYR A 68 -4.58 -12.50 -7.35
N SER A 69 -5.45 -11.67 -7.90
N SER A 69 -5.44 -11.65 -7.90
CA SER A 69 -6.22 -12.07 -9.08
CA SER A 69 -6.24 -12.03 -9.06
C SER A 69 -6.19 -11.00 -10.16
C SER A 69 -6.17 -10.98 -10.16
N PRO A 70 -6.23 -11.42 -11.43
CA PRO A 70 -6.24 -10.46 -12.53
C PRO A 70 -7.61 -9.81 -12.71
N ILE A 71 -8.62 -10.34 -12.04
CA ILE A 71 -10.01 -9.87 -12.22
C ILE A 71 -10.59 -9.32 -10.92
N ASP A 72 -11.28 -8.18 -10.99
CA ASP A 72 -11.95 -7.60 -9.83
C ASP A 72 -13.20 -8.43 -9.56
N PRO A 73 -13.28 -9.11 -8.40
CA PRO A 73 -14.43 -9.99 -8.18
C PRO A 73 -15.74 -9.24 -8.01
N GLN A 74 -15.65 -7.92 -7.82
CA GLN A 74 -16.85 -7.11 -7.66
C GLN A 74 -17.45 -6.69 -9.00
N THR A 75 -16.58 -6.38 -9.96
CA THR A 75 -17.01 -5.95 -11.28
C THR A 75 -16.95 -7.09 -12.31
N ASN A 76 -16.17 -8.14 -11.98
CA ASN A 76 -15.89 -9.22 -12.92
C ASN A 76 -15.13 -8.79 -14.17
N LYS A 77 -14.47 -7.64 -14.07
CA LYS A 77 -13.63 -7.11 -15.15
C LYS A 77 -12.21 -6.96 -14.65
N PRO A 78 -11.24 -6.90 -15.57
CA PRO A 78 -9.86 -6.68 -15.14
C PRO A 78 -9.76 -5.43 -14.26
N TRP A 79 -8.81 -5.42 -13.35
CA TRP A 79 -8.51 -4.21 -12.60
C TRP A 79 -8.07 -3.16 -13.62
N PRO A 80 -8.30 -1.86 -13.34
CA PRO A 80 -7.86 -0.81 -14.25
C PRO A 80 -6.33 -0.89 -14.45
N ALA A 81 -5.86 -0.51 -15.63
CA ALA A 81 -4.43 -0.47 -15.89
C ALA A 81 -3.69 0.40 -14.87
N MET A 82 -2.46 0.05 -14.52
CA MET A 82 -1.68 0.90 -13.60
C MET A 82 -1.39 2.25 -14.28
N PRO A 83 -1.85 3.36 -13.66
CA PRO A 83 -1.59 4.68 -14.25
C PRO A 83 -0.09 4.94 -14.42
N GLN A 84 0.29 5.58 -15.52
CA GLN A 84 1.68 5.91 -15.74
C GLN A 84 2.27 6.74 -14.59
N SER A 85 1.47 7.63 -14.00
CA SER A 85 1.94 8.45 -12.88
C SER A 85 2.36 7.57 -11.69
N PHE A 86 1.59 6.51 -11.45
CA PHE A 86 1.91 5.55 -10.38
C PHE A 86 3.19 4.86 -10.74
N HIS A 87 3.26 4.35 -11.97
CA HIS A 87 4.40 3.51 -12.33
C HIS A 87 5.71 4.32 -12.30
N ASN A 88 5.65 5.56 -12.76
CA ASN A 88 6.84 6.40 -12.81
C ASN A 88 7.29 6.76 -11.40
N LEU A 89 6.34 7.09 -10.53
CA LEU A 89 6.70 7.47 -9.17
C LEU A 89 7.34 6.26 -8.47
N CYS A 90 6.72 5.08 -8.64
CA CYS A 90 7.24 3.86 -8.03
C CYS A 90 8.68 3.58 -8.47
N GLN A 91 8.92 3.69 -9.77
CA GLN A 91 10.22 3.42 -10.33
C GLN A 91 11.27 4.39 -9.73
N ARG A 92 10.91 5.66 -9.65
CA ARG A 92 11.82 6.66 -9.11
C ARG A 92 12.12 6.44 -7.64
N ALA A 93 11.09 6.08 -6.86
CA ALA A 93 11.26 5.82 -5.44
C ALA A 93 12.10 4.57 -5.21
N ALA A 94 11.79 3.50 -5.93
CA ALA A 94 12.57 2.26 -5.84
C ALA A 94 14.04 2.51 -6.11
N THR A 95 14.33 3.28 -7.15
CA THR A 95 15.71 3.60 -7.51
C THR A 95 16.41 4.38 -6.40
N ALA A 96 15.75 5.41 -5.88
CA ALA A 96 16.29 6.20 -4.77
C ALA A 96 16.59 5.34 -3.55
N ALA A 97 15.81 4.27 -3.36
CA ALA A 97 15.90 3.42 -2.19
C ALA A 97 16.90 2.28 -2.39
N GLY A 98 17.49 2.19 -3.58
CA GLY A 98 18.50 1.16 -3.85
C GLY A 98 17.96 -0.10 -4.52
N TYR A 99 16.81 0.01 -5.16
CA TYR A 99 16.17 -1.11 -5.84
C TYR A 99 15.84 -0.75 -7.29
N PRO A 100 16.88 -0.45 -8.10
CA PRO A 100 16.67 0.09 -9.43
C PRO A 100 16.00 -0.86 -10.42
N ASP A 101 15.92 -2.15 -10.09
CA ASP A 101 15.41 -3.14 -11.06
C ASP A 101 13.95 -3.56 -10.82
N PHE A 102 13.32 -2.93 -9.85
CA PHE A 102 11.96 -3.30 -9.43
C PHE A 102 10.95 -3.07 -10.55
N GLN A 103 10.14 -4.09 -10.85
CA GLN A 103 9.09 -4.01 -11.87
C GLN A 103 7.77 -4.47 -11.27
N PRO A 104 7.00 -3.54 -10.73
CA PRO A 104 5.74 -3.97 -10.09
C PRO A 104 4.68 -4.35 -11.11
N ASP A 105 3.79 -5.27 -10.74
CA ASP A 105 2.68 -5.64 -11.62
C ASP A 105 1.36 -5.55 -10.87
N ALA A 106 1.37 -4.85 -9.74
CA ALA A 106 0.22 -4.84 -8.85
C ALA A 106 0.34 -3.60 -7.99
N CYS A 107 -0.76 -2.86 -7.87
CA CYS A 107 -0.82 -1.72 -6.97
C CYS A 107 -2.12 -1.76 -6.19
N LEU A 108 -2.00 -1.93 -4.88
CA LEU A 108 -3.16 -1.94 -3.99
C LEU A 108 -3.35 -0.54 -3.46
N ILE A 109 -4.56 -0.02 -3.60
CA ILE A 109 -4.87 1.32 -3.13
C ILE A 109 -5.75 1.22 -1.89
N ASN A 110 -5.22 1.71 -0.76
CA ASN A 110 -5.94 1.69 0.51
C ASN A 110 -6.50 3.08 0.80
N ARG A 111 -7.72 3.13 1.31
CA ARG A 111 -8.32 4.36 1.77
C ARG A 111 -8.67 4.20 3.26
N TYR A 112 -8.15 5.11 4.08
CA TYR A 112 -8.39 5.14 5.52
C TYR A 112 -9.32 6.28 5.91
N ALA A 113 -10.47 5.93 6.47
CA ALA A 113 -11.30 6.90 7.18
C ALA A 113 -10.85 6.96 8.64
N PRO A 114 -11.27 8.00 9.38
CA PRO A 114 -10.96 8.05 10.79
C PRO A 114 -11.24 6.71 11.46
N GLY A 115 -10.30 6.23 12.25
CA GLY A 115 -10.49 4.99 13.00
C GLY A 115 -10.00 3.75 12.28
N ALA A 116 -9.85 3.84 10.96
CA ALA A 116 -9.43 2.68 10.16
C ALA A 116 -7.99 2.34 10.48
N LYS A 117 -7.67 1.04 10.48
CA LYS A 117 -6.37 0.53 10.87
C LYS A 117 -6.02 -0.69 10.05
N LEU A 118 -4.77 -1.10 10.15
CA LEU A 118 -4.32 -2.39 9.61
C LEU A 118 -3.49 -3.05 10.68
N CYS A 119 -4.00 -4.13 11.24
CA CYS A 119 -3.28 -4.85 12.28
C CYS A 119 -1.98 -5.41 11.73
N LEU A 120 -0.98 -5.53 12.61
CA LEU A 120 0.36 -6.01 12.27
C LEU A 120 0.30 -7.30 11.45
N HIS A 121 0.94 -7.28 10.27
CA HIS A 121 0.92 -8.43 9.38
C HIS A 121 2.21 -8.49 8.60
N GLN A 122 2.34 -9.54 7.78
CA GLN A 122 3.47 -9.69 6.86
C GLN A 122 2.96 -9.64 5.42
N ASP A 123 3.75 -9.07 4.51
CA ASP A 123 3.45 -9.18 3.09
C ASP A 123 4.14 -10.43 2.56
N LYS A 124 3.36 -11.47 2.27
CA LYS A 124 3.95 -12.74 1.83
C LYS A 124 3.12 -13.49 0.80
N ASP A 125 2.17 -12.80 0.16
CA ASP A 125 1.35 -13.42 -0.88
C ASP A 125 2.08 -13.45 -2.22
N GLU A 126 3.23 -12.79 -2.28
CA GLU A 126 4.03 -12.74 -3.51
C GLU A 126 5.05 -13.89 -3.55
N PRO A 127 5.13 -14.59 -4.70
CA PRO A 127 6.03 -15.72 -4.84
C PRO A 127 7.50 -15.33 -4.95
N ASP A 128 7.78 -14.19 -5.59
CA ASP A 128 9.15 -13.72 -5.72
C ASP A 128 9.49 -12.75 -4.58
N LEU A 129 10.12 -13.29 -3.54
CA LEU A 129 10.44 -12.50 -2.34
C LEU A 129 11.61 -11.55 -2.56
N ARG A 130 12.27 -11.66 -3.72
CA ARG A 130 13.40 -10.80 -4.05
C ARG A 130 13.01 -9.34 -4.31
N ALA A 131 11.77 -9.13 -4.74
CA ALA A 131 11.32 -7.79 -5.09
C ALA A 131 10.87 -7.05 -3.83
N PRO A 132 11.15 -5.75 -3.77
CA PRO A 132 10.77 -4.92 -2.64
C PRO A 132 9.29 -4.55 -2.67
N ILE A 133 8.83 -3.94 -1.58
CA ILE A 133 7.53 -3.30 -1.50
C ILE A 133 7.75 -1.79 -1.49
N VAL A 134 7.00 -1.06 -2.33
CA VAL A 134 7.05 0.40 -2.31
C VAL A 134 5.70 0.92 -1.84
N SER A 135 5.70 1.73 -0.79
CA SER A 135 4.47 2.18 -0.14
C SER A 135 4.41 3.71 -0.10
N VAL A 136 3.41 4.32 -0.77
CA VAL A 136 3.26 5.78 -0.92
C VAL A 136 2.10 6.32 -0.08
N SER A 137 2.37 7.24 0.85
CA SER A 137 1.31 7.83 1.69
C SER A 137 0.78 9.12 1.13
N LEU A 138 -0.55 9.33 1.20
CA LEU A 138 -1.17 10.56 0.70
C LEU A 138 -2.26 10.99 1.68
N GLY A 139 -2.41 12.30 1.88
CA GLY A 139 -3.46 12.81 2.77
C GLY A 139 -3.09 12.84 4.24
N LEU A 140 -4.04 12.45 5.09
CA LEU A 140 -3.88 12.55 6.54
C LEU A 140 -2.74 11.68 7.03
N PRO A 141 -2.07 12.09 8.12
CA PRO A 141 -0.93 11.34 8.66
C PRO A 141 -1.38 10.09 9.41
N ALA A 142 -0.53 9.08 9.42
CA ALA A 142 -0.81 7.83 10.15
C ALA A 142 0.45 7.32 10.80
N ILE A 143 0.29 6.62 11.92
CA ILE A 143 1.42 5.96 12.56
C ILE A 143 1.65 4.54 12.04
N PHE A 144 2.82 4.35 11.43
CA PHE A 144 3.21 3.11 10.79
C PHE A 144 4.03 2.34 11.78
N GLN A 145 3.67 1.07 11.98
CA GLN A 145 4.44 0.18 12.81
C GLN A 145 5.34 -0.63 11.92
N PHE A 146 6.61 -0.72 12.29
CA PHE A 146 7.53 -1.51 11.51
C PHE A 146 8.33 -2.34 12.48
N GLY A 147 8.17 -3.65 12.37
CA GLY A 147 8.72 -4.57 13.35
C GLY A 147 9.91 -5.43 12.92
N GLY A 148 9.80 -6.74 13.12
CA GLY A 148 10.86 -7.68 12.75
C GLY A 148 10.30 -8.96 12.14
N LEU A 149 11.10 -10.03 12.11
CA LEU A 149 10.64 -11.29 11.52
C LEU A 149 9.64 -12.02 12.39
N LYS A 150 9.64 -11.71 13.68
CA LYS A 150 8.71 -12.33 14.61
C LYS A 150 7.71 -11.29 15.09
N ARG A 151 6.47 -11.73 15.32
CA ARG A 151 5.42 -10.79 15.63
C ARG A 151 5.73 -9.98 16.89
N ASN A 152 6.42 -10.59 17.84
CA ASN A 152 6.70 -9.94 19.11
C ASN A 152 8.00 -9.12 19.11
N ASP A 153 8.63 -8.99 17.95
CA ASP A 153 9.83 -8.17 17.83
C ASP A 153 9.43 -6.71 18.08
N PRO A 154 10.32 -5.93 18.69
CA PRO A 154 10.02 -4.53 19.02
C PRO A 154 9.61 -3.70 17.80
N LEU A 155 8.64 -2.83 17.99
CA LEU A 155 8.14 -2.02 16.89
C LEU A 155 8.81 -0.65 16.86
N LYS A 156 9.09 -0.18 15.66
CA LYS A 156 9.36 1.21 15.45
C LYS A 156 8.02 1.79 15.08
N ARG A 157 7.71 2.98 15.58
CA ARG A 157 6.51 3.70 15.20
C ARG A 157 6.88 5.00 14.52
N LEU A 158 6.49 5.13 13.25
CA LEU A 158 6.84 6.31 12.46
C LEU A 158 5.61 6.99 11.91
N LEU A 159 5.51 8.29 12.16
CA LEU A 159 4.48 9.05 11.50
C LEU A 159 4.81 9.05 10.01
N LEU A 160 3.81 8.71 9.21
CA LEU A 160 3.90 8.85 7.75
C LEU A 160 3.02 10.02 7.34
N GLU A 161 3.63 11.02 6.73
CA GLU A 161 2.89 12.19 6.29
C GLU A 161 2.71 12.21 4.78
N HIS A 162 1.84 13.10 4.32
CA HIS A 162 1.55 13.28 2.90
C HIS A 162 2.81 13.33 2.04
N GLY A 163 2.93 12.37 1.12
CA GLY A 163 4.07 12.32 0.22
C GLY A 163 5.21 11.43 0.63
N ASP A 164 5.18 10.95 1.86
CA ASP A 164 6.20 10.02 2.33
C ASP A 164 6.14 8.69 1.55
N VAL A 165 7.31 8.13 1.24
CA VAL A 165 7.36 6.83 0.60
C VAL A 165 8.24 5.95 1.45
N VAL A 166 7.77 4.74 1.72
CA VAL A 166 8.55 3.75 2.43
C VAL A 166 8.84 2.56 1.52
N VAL A 167 10.07 2.08 1.55
CA VAL A 167 10.44 0.95 0.73
C VAL A 167 11.09 -0.07 1.63
N TRP A 168 10.65 -1.31 1.53
CA TRP A 168 11.34 -2.37 2.24
C TRP A 168 11.55 -3.58 1.34
N GLY A 169 12.60 -4.31 1.64
CA GLY A 169 13.03 -5.41 0.79
C GLY A 169 14.26 -6.04 1.38
N GLY A 170 14.77 -7.05 0.68
CA GLY A 170 15.94 -7.78 1.15
C GLY A 170 15.70 -8.35 2.54
N GLU A 171 16.61 -8.05 3.47
CA GLU A 171 16.53 -8.65 4.80
C GLU A 171 15.22 -8.28 5.51
N SER A 172 14.61 -7.16 5.15
CA SER A 172 13.42 -6.69 5.87
C SER A 172 12.13 -6.96 5.11
N ARG A 173 12.23 -7.72 4.01
CA ARG A 173 11.09 -7.97 3.14
C ARG A 173 9.88 -8.59 3.87
N LEU A 174 10.14 -9.47 4.82
CA LEU A 174 9.07 -10.18 5.52
C LEU A 174 8.76 -9.61 6.90
N PHE A 175 9.17 -8.37 7.18
CA PHE A 175 8.99 -7.82 8.51
C PHE A 175 7.53 -7.50 8.74
N TYR A 176 7.06 -7.67 9.97
CA TYR A 176 5.71 -7.30 10.34
C TYR A 176 5.58 -5.79 10.31
N HIS A 177 4.43 -5.29 9.88
CA HIS A 177 4.14 -3.87 9.83
C HIS A 177 2.64 -3.69 9.90
N GLY A 178 2.22 -2.45 10.13
CA GLY A 178 0.81 -2.15 10.28
C GLY A 178 0.59 -0.67 10.41
N ILE A 179 -0.67 -0.30 10.52
CA ILE A 179 -1.10 1.09 10.62
C ILE A 179 -2.04 1.25 11.81
N GLN A 180 -1.74 2.21 12.69
CA GLN A 180 -2.60 2.43 13.88
C GLN A 180 -3.83 3.20 13.48
N PRO A 181 -4.93 3.07 14.23
CA PRO A 181 -6.19 3.73 13.91
C PRO A 181 -6.02 5.21 13.54
N LEU A 182 -6.54 5.58 12.36
CA LEU A 182 -6.37 6.91 11.82
C LEU A 182 -7.05 8.00 12.63
N LYS A 183 -6.30 9.03 12.97
N LYS A 183 -6.30 9.04 12.97
CA LYS A 183 -6.88 10.18 13.66
CA LYS A 183 -6.87 10.19 13.66
C LYS A 183 -7.64 11.06 12.68
C LYS A 183 -7.63 11.09 12.70
N ALA A 184 -8.76 11.62 13.15
CA ALA A 184 -9.54 12.54 12.31
C ALA A 184 -8.72 13.77 12.03
N GLY A 185 -8.96 14.39 10.89
CA GLY A 185 -8.29 15.63 10.58
C GLY A 185 -8.69 16.16 9.22
N PHE A 186 -8.00 17.20 8.79
CA PHE A 186 -8.26 17.80 7.50
C PHE A 186 -6.98 17.81 6.66
N HIS A 187 -7.11 17.45 5.40
CA HIS A 187 -6.03 17.65 4.43
C HIS A 187 -6.60 18.33 3.19
N PRO A 188 -5.91 19.37 2.70
CA PRO A 188 -6.46 20.14 1.58
C PRO A 188 -6.64 19.34 0.29
N LEU A 189 -5.89 18.26 0.12
CA LEU A 189 -5.98 17.45 -1.10
C LEU A 189 -6.91 16.25 -0.99
N THR A 190 -7.02 15.65 0.19
CA THR A 190 -7.86 14.45 0.37
C THR A 190 -9.06 14.71 1.25
N ILE A 191 -9.14 15.93 1.78
CA ILE A 191 -10.18 16.38 2.70
C ILE A 191 -10.19 15.68 4.05
N ASP A 192 -10.56 14.41 4.10
CA ASP A 192 -10.82 13.75 5.38
C ASP A 192 -10.29 12.34 5.44
N CYS A 193 -9.39 11.98 4.53
CA CYS A 193 -8.88 10.63 4.54
C CYS A 193 -7.40 10.54 4.24
N ARG A 194 -6.88 9.34 4.44
CA ARG A 194 -5.53 8.96 4.01
C ARG A 194 -5.66 7.92 2.89
N TYR A 195 -4.81 8.03 1.87
CA TYR A 195 -4.68 6.96 0.87
C TYR A 195 -3.27 6.43 0.96
N ASN A 196 -3.10 5.15 0.67
CA ASN A 196 -1.78 4.54 0.52
C ASN A 196 -1.74 3.72 -0.78
N LEU A 197 -0.64 3.83 -1.51
CA LEU A 197 -0.41 2.99 -2.68
C LEU A 197 0.67 1.99 -2.32
N THR A 198 0.37 0.71 -2.47
CA THR A 198 1.36 -0.30 -2.23
C THR A 198 1.68 -1.06 -3.51
N PHE A 199 2.91 -0.93 -3.96
CA PHE A 199 3.39 -1.56 -5.21
C PHE A 199 4.11 -2.85 -4.93
N ARG A 200 3.74 -3.90 -5.67
CA ARG A 200 4.44 -5.17 -5.51
C ARG A 200 4.65 -5.84 -6.86
N GLN A 201 5.59 -6.77 -6.91
CA GLN A 201 5.63 -7.69 -8.03
C GLN A 201 4.94 -8.93 -7.51
N ALA A 202 3.72 -9.18 -7.99
CA ALA A 202 2.91 -10.26 -7.42
C ALA A 202 2.94 -11.52 -8.26
N GLY A 203 3.39 -11.41 -9.51
CA GLY A 203 3.46 -12.57 -10.40
C GLY A 203 4.89 -12.85 -10.81
N LYS A 204 5.06 -13.66 -11.84
CA LYS A 204 6.39 -13.87 -12.39
C LYS A 204 6.74 -12.78 -13.38
P MDQ B 7 -3.20 -11.29 9.11
N1 MDQ B 7 -3.66 -7.89 5.62
C2 MDQ B 7 -3.41 -7.07 4.50
O2 MDQ B 7 -3.98 -5.95 4.40
N3 MDQ B 7 -2.59 -7.49 3.53
C4 MDQ B 7 -1.97 -8.69 3.64
N4 MDQ B 7 -1.11 -9.12 2.63
C5 MDQ B 7 -2.20 -9.49 4.75
C6 MDQ B 7 -3.04 -9.07 5.76
C1' MDQ B 7 -4.53 -7.39 6.69
O1P MDQ B 7 -1.80 -10.89 9.50
C2' MDQ B 7 -5.71 -8.30 7.04
C20 MDQ B 7 -2.84 -6.81 2.23
O21 MDQ B 7 -2.14 -6.60 1.28
O2P MDQ B 7 -3.39 -12.10 7.86
C3' MDQ B 7 -5.96 -7.89 8.48
O3' MDQ B 7 -6.71 -6.66 8.40
C4' MDQ B 7 -4.56 -7.62 8.99
O4' MDQ B 7 -3.72 -7.39 7.86
C5' MDQ B 7 -3.98 -8.82 9.74
O5' MDQ B 7 -4.12 -9.98 8.91
P 2YR B 9 -11.62 -6.48 13.58
OP1 2YR B 9 -12.80 -5.66 13.17
OP2 2YR B 9 -10.38 -5.71 13.88
O5' 2YR B 9 -11.80 -7.44 14.85
C5' 2YR B 9 -12.83 -8.41 14.84
C4' 2YR B 9 -12.79 -9.21 16.13
O4' 2YR B 9 -11.48 -9.81 16.30
C3' 2YR B 9 -13.10 -8.38 17.37
O3' 2YR B 9 -13.95 -9.18 18.19
C2' 2YR B 9 -11.71 -8.14 17.94
C1' 2YR B 9 -10.97 -9.43 17.57
N1 2YR B 9 -9.51 -9.18 17.42
C2 2YR B 9 -8.61 -9.95 18.16
O2 2YR B 9 -9.04 -10.85 18.89
N3 2YR B 9 -7.29 -9.68 18.05
C4 2YR B 9 -6.85 -8.71 17.24
N4 2YR B 9 -5.53 -8.52 17.19
C5 2YR B 9 -7.77 -7.92 16.48
C6 2YR B 9 -9.08 -8.17 16.60
S 2YR B 9 -4.62 -4.83 15.64
C8 2YR B 9 -5.07 -6.06 16.91
C9 2YR B 9 -4.89 -7.47 16.36
FE FE D . 1.38 -4.81 4.27
C1 SIN E . -0.15 -2.15 3.95
O1 SIN E . -0.76 -2.94 3.19
O2 SIN E . 0.67 -2.58 4.78
C2 SIN E . -0.43 -0.67 3.84
C3 SIN E . 0.41 0.10 4.83
C4 SIN E . -0.03 1.56 4.72
O3 SIN E . -1.23 1.86 4.55
O4 SIN E . 0.82 2.48 4.82
#